data_5Q22
#
_entry.id   5Q22
#
_cell.length_a   52.123
_cell.length_b   57.114
_cell.length_c   115.210
_cell.angle_alpha   90.000
_cell.angle_beta   90.000
_cell.angle_gamma   90.000
#
_symmetry.space_group_name_H-M   'P 21 21 21'
#
loop_
_entity.id
_entity.type
_entity.pdbx_description
1 polymer 'DNA cross-link repair 1A protein'
2 non-polymer 'MALONATE ION'
3 non-polymer 'NICKEL (II) ION'
4 non-polymer ~{N}-cyclohexyl-2-phenoxy-ethanamide
5 water water
#
_entity_poly.entity_id   1
_entity_poly.type   'polypeptide(L)'
_entity_poly.pdbx_seq_one_letter_code
;KKTCPFYKKIPGTGFTVDAFQYGVVEGCTAYFLTHFHSDHYAGLSKHFTFPVYCSEITGNLLKNKLHVQEQYIHPLPLDT
ECIVNGVKVVLLDANHCPGAVMILFYLPNGTVILHTGDFRADPSMERSLLADQKVHMLYLDTTYCSPEYTFPSQQEVIRF
AINTAFEAVTLNPHALVVCGTYSIGKEKVFLAIADVLGSKVGMSQEKYKTLQCLNIPEINSLITTDMCSSLVHLLPMMQI
NFKGLQSHLKKCGGKYNQILAFRPTGWTHSNKFTRIADVIPQTKGNISIYGIPYSEHSSYLEMKRFVQWLKPQKIIPTVN
VGTWKSRSTMEKYFREWKLEAGY
;
_entity_poly.pdbx_strand_id   A
#
loop_
_chem_comp.id
_chem_comp.type
_chem_comp.name
_chem_comp.formula
B0A non-polymer ~{N}-cyclohexyl-2-phenoxy-ethanamide 'C14 H19 N O2'
MLI non-polymer 'MALONATE ION' 'C3 H2 O4 -2'
NI non-polymer 'NICKEL (II) ION' 'Ni 2'
#
# COMPACT_ATOMS: atom_id res chain seq x y z
N THR A 3 -18.27 10.33 -15.03
CA THR A 3 -19.00 9.02 -15.15
C THR A 3 -18.27 7.84 -14.48
N CYS A 4 -18.90 7.23 -13.48
CA CYS A 4 -18.30 6.12 -12.74
C CYS A 4 -18.21 4.86 -13.62
N PRO A 5 -17.00 4.27 -13.78
CA PRO A 5 -16.85 3.11 -14.65
C PRO A 5 -17.42 1.82 -14.05
N PHE A 6 -17.68 0.83 -14.92
CA PHE A 6 -18.36 -0.41 -14.52
C PHE A 6 -17.61 -1.21 -13.47
N TYR A 7 -16.28 -1.24 -13.56
CA TYR A 7 -15.44 -2.03 -12.65
C TYR A 7 -15.35 -1.46 -11.21
N LYS A 8 -15.99 -0.31 -10.95
CA LYS A 8 -16.16 0.22 -9.59
C LYS A 8 -17.60 0.06 -9.04
N LYS A 9 -18.47 -0.61 -9.79
CA LYS A 9 -19.83 -0.85 -9.32
C LYS A 9 -19.98 -2.32 -8.91
N ILE A 10 -20.79 -2.57 -7.88
CA ILE A 10 -21.08 -3.94 -7.41
C ILE A 10 -22.55 -4.28 -7.79
N PRO A 11 -22.73 -5.17 -8.78
CA PRO A 11 -24.09 -5.42 -9.32
C PRO A 11 -25.02 -6.07 -8.30
N GLY A 12 -26.31 -5.75 -8.38
CA GLY A 12 -27.29 -6.25 -7.43
C GLY A 12 -27.28 -5.54 -6.09
N THR A 13 -26.47 -4.50 -5.96
CA THR A 13 -26.41 -3.68 -4.75
C THR A 13 -26.45 -2.20 -5.11
N GLY A 14 -26.59 -1.38 -4.07
CA GLY A 14 -26.38 0.05 -4.16
C GLY A 14 -24.96 0.47 -3.82
N PHE A 15 -23.96 -0.42 -3.99
CA PHE A 15 -22.59 -0.13 -3.51
C PHE A 15 -21.64 0.25 -4.64
N THR A 16 -20.73 1.19 -4.36
CA THR A 16 -19.54 1.39 -5.19
C THR A 16 -18.28 1.20 -4.34
N VAL A 17 -17.16 1.02 -5.02
CA VAL A 17 -15.86 0.86 -4.38
C VAL A 17 -14.85 1.87 -4.99
N ASP A 18 -14.27 2.69 -4.11
CA ASP A 18 -13.21 3.67 -4.48
C ASP A 18 -13.70 4.62 -5.60
N ALA A 19 -14.93 5.09 -5.44
CA ALA A 19 -15.62 5.87 -6.48
C ALA A 19 -16.10 7.24 -5.95
N PHE A 20 -15.14 8.11 -5.62
CA PHE A 20 -15.44 9.42 -5.02
C PHE A 20 -15.21 10.64 -5.95
N GLN A 21 -14.76 10.41 -7.19
CA GLN A 21 -14.36 11.50 -8.12
C GLN A 21 -15.36 11.72 -9.26
N TYR A 22 -16.55 11.11 -9.15
CA TYR A 22 -17.55 11.15 -10.21
C TYR A 22 -18.84 11.89 -9.80
N GLY A 23 -18.77 12.72 -8.76
CA GLY A 23 -19.97 13.35 -8.20
C GLY A 23 -20.90 12.32 -7.56
N VAL A 24 -22.20 12.64 -7.56
CA VAL A 24 -23.22 11.78 -6.98
C VAL A 24 -23.50 10.63 -7.96
N VAL A 25 -23.12 9.41 -7.58
CA VAL A 25 -23.29 8.25 -8.45
C VAL A 25 -24.73 7.76 -8.33
N GLU A 26 -25.46 7.68 -9.45
CA GLU A 26 -26.90 7.35 -9.41
C GLU A 26 -27.14 5.96 -8.82
N GLY A 27 -27.96 5.91 -7.76
CA GLY A 27 -28.33 4.68 -7.09
C GLY A 27 -27.40 4.22 -5.98
N CYS A 28 -26.30 4.95 -5.74
CA CYS A 28 -25.35 4.54 -4.72
C CYS A 28 -25.82 4.96 -3.33
N THR A 29 -26.10 3.98 -2.46
CA THR A 29 -26.51 4.19 -1.05
C THR A 29 -25.37 4.10 -0.01
N ALA A 30 -24.23 3.53 -0.41
CA ALA A 30 -23.05 3.36 0.46
C ALA A 30 -21.81 3.33 -0.42
N TYR A 31 -20.83 4.17 -0.06
CA TYR A 31 -19.55 4.27 -0.77
C TYR A 31 -18.48 3.57 0.10
N PHE A 32 -17.92 2.48 -0.41
CA PHE A 32 -16.79 1.80 0.26
C PHE A 32 -15.46 2.43 -0.17
N LEU A 33 -14.52 2.54 0.80
CA LEU A 33 -13.14 2.99 0.54
C LEU A 33 -12.17 1.91 1.03
N THR A 34 -11.45 1.28 0.11
CA THR A 34 -10.55 0.17 0.48
C THR A 34 -9.32 0.61 1.30
N HIS A 35 -8.80 1.81 1.01
CA HIS A 35 -7.57 2.29 1.65
C HIS A 35 -7.33 3.75 1.39
N PHE A 36 -6.49 4.36 2.24
CA PHE A 36 -6.19 5.80 2.15
C PHE A 36 -4.99 6.11 1.23
N HIS A 37 -5.13 5.86 -0.07
CA HIS A 37 -4.20 6.32 -1.13
C HIS A 37 -4.96 7.26 -2.07
N SER A 38 -4.31 8.36 -2.50
CA SER A 38 -4.99 9.45 -3.19
C SER A 38 -5.69 9.05 -4.50
N ASP A 39 -5.15 8.11 -5.28
CA ASP A 39 -5.86 7.65 -6.51
C ASP A 39 -7.23 7.01 -6.17
N HIS A 40 -7.37 6.44 -4.95
CA HIS A 40 -8.57 5.72 -4.53
C HIS A 40 -9.56 6.61 -3.79
N TYR A 41 -9.06 7.52 -2.97
CA TYR A 41 -9.93 8.50 -2.32
C TYR A 41 -10.25 9.77 -3.14
N ALA A 42 -9.67 9.92 -4.34
CA ALA A 42 -9.81 11.14 -5.20
C ALA A 42 -11.26 11.64 -5.24
N GLY A 43 -11.48 12.86 -4.78
CA GLY A 43 -12.80 13.49 -4.71
C GLY A 43 -13.37 13.69 -3.32
N LEU A 44 -13.01 12.81 -2.38
CA LEU A 44 -13.38 12.98 -0.94
C LEU A 44 -12.77 14.25 -0.37
N SER A 45 -13.56 14.94 0.47
CA SER A 45 -13.22 16.24 1.09
C SER A 45 -14.16 16.50 2.30
N LYS A 46 -14.01 17.63 2.99
CA LYS A 46 -14.87 17.90 4.19
C LYS A 46 -16.38 18.07 3.92
N HIS A 47 -16.76 18.29 2.67
CA HIS A 47 -18.19 18.53 2.32
C HIS A 47 -18.91 17.30 1.79
N PHE A 48 -18.31 16.12 1.93
CA PHE A 48 -18.96 14.87 1.52
C PHE A 48 -20.10 14.51 2.48
N THR A 49 -21.29 14.19 1.94
CA THR A 49 -22.50 14.01 2.77
C THR A 49 -23.23 12.65 2.58
N PHE A 50 -22.50 11.62 2.19
CA PHE A 50 -23.03 10.26 2.05
C PHE A 50 -22.24 9.28 2.95
N PRO A 51 -22.86 8.14 3.30
CA PRO A 51 -22.18 7.13 4.14
C PRO A 51 -20.92 6.51 3.51
N VAL A 52 -19.81 6.51 4.25
CA VAL A 52 -18.55 5.92 3.81
C VAL A 52 -18.22 4.73 4.72
N TYR A 53 -18.01 3.56 4.12
CA TYR A 53 -17.68 2.32 4.87
C TYR A 53 -16.21 1.95 4.61
N CYS A 54 -15.50 1.63 5.69
CA CYS A 54 -14.02 1.49 5.65
C CYS A 54 -13.52 0.83 6.94
N SER A 55 -12.20 0.58 7.01
CA SER A 55 -11.58 0.13 8.24
C SER A 55 -11.49 1.27 9.29
N GLU A 56 -11.23 0.90 10.53
CA GLU A 56 -10.99 1.89 11.60
C GLU A 56 -9.82 2.85 11.25
N ILE A 57 -8.69 2.31 10.83
CA ILE A 57 -7.55 3.16 10.46
C ILE A 57 -7.87 4.13 9.33
N THR A 58 -8.51 3.63 8.27
CA THR A 58 -8.93 4.53 7.18
C THR A 58 -9.86 5.63 7.72
N GLY A 59 -10.80 5.25 8.60
CA GLY A 59 -11.72 6.23 9.20
C GLY A 59 -10.98 7.31 10.02
N ASN A 60 -9.95 6.91 10.77
CA ASN A 60 -9.11 7.90 11.51
C ASN A 60 -8.46 8.92 10.56
N LEU A 61 -7.97 8.45 9.41
CA LEU A 61 -7.36 9.33 8.39
C LEU A 61 -8.37 10.26 7.70
N LEU A 62 -9.54 9.72 7.38
CA LEU A 62 -10.63 10.53 6.81
C LEU A 62 -11.01 11.70 7.74
N LYS A 63 -11.18 11.38 9.03
CA LYS A 63 -11.57 12.39 10.04
C LYS A 63 -10.50 13.47 10.23
N ASN A 64 -9.26 13.03 10.47
CA ASN A 64 -8.17 13.94 10.86
C ASN A 64 -7.41 14.60 9.71
N LYS A 65 -7.23 13.89 8.59
CA LYS A 65 -6.47 14.43 7.44
C LYS A 65 -7.36 15.08 6.37
N LEU A 66 -8.50 14.48 6.03
CA LEU A 66 -9.43 15.07 5.03
C LEU A 66 -10.59 15.88 5.62
N HIS A 67 -10.78 15.77 6.94
N HIS A 67 -10.79 15.79 6.93
CA HIS A 67 -11.84 16.43 7.75
CA HIS A 67 -11.78 16.62 7.59
C HIS A 67 -13.27 16.08 7.42
C HIS A 67 -13.24 16.16 7.25
N VAL A 68 -13.44 14.86 6.94
CA VAL A 68 -14.78 14.30 6.70
C VAL A 68 -15.51 14.28 8.07
N GLN A 69 -16.79 14.68 8.10
CA GLN A 69 -17.53 14.69 9.36
C GLN A 69 -17.78 13.30 9.88
N GLU A 70 -17.69 13.18 11.20
CA GLU A 70 -17.81 11.92 11.95
C GLU A 70 -19.12 11.18 11.66
N GLN A 71 -20.20 11.95 11.48
CA GLN A 71 -21.52 11.35 11.19
C GLN A 71 -21.59 10.51 9.90
N TYR A 72 -20.65 10.70 8.97
CA TYR A 72 -20.65 9.97 7.70
C TYR A 72 -19.61 8.85 7.65
N ILE A 73 -18.80 8.69 8.70
CA ILE A 73 -17.75 7.67 8.71
C ILE A 73 -18.28 6.42 9.43
N HIS A 74 -18.30 5.29 8.71
CA HIS A 74 -18.77 4.00 9.23
C HIS A 74 -17.64 2.96 9.26
N PRO A 75 -16.82 2.94 10.34
CA PRO A 75 -15.76 1.94 10.47
C PRO A 75 -16.33 0.55 10.76
N LEU A 76 -15.75 -0.48 10.15
CA LEU A 76 -16.13 -1.88 10.39
C LEU A 76 -14.93 -2.67 10.88
N PRO A 77 -15.13 -3.62 11.81
CA PRO A 77 -14.06 -4.48 12.26
C PRO A 77 -13.68 -5.46 11.15
N LEU A 78 -12.47 -5.96 11.19
CA LEU A 78 -12.01 -7.01 10.26
C LEU A 78 -12.52 -8.38 10.67
N ASP A 79 -12.56 -9.31 9.70
CA ASP A 79 -12.80 -10.74 9.96
C ASP A 79 -14.15 -11.05 10.62
N THR A 80 -15.14 -10.18 10.36
CA THR A 80 -16.44 -10.18 11.08
C THR A 80 -17.59 -9.98 10.06
N GLU A 81 -18.58 -10.87 10.08
CA GLU A 81 -19.75 -10.72 9.23
C GLU A 81 -20.58 -9.52 9.70
N CYS A 82 -20.80 -8.55 8.81
CA CYS A 82 -21.55 -7.33 9.10
C CYS A 82 -22.68 -7.17 8.06
N ILE A 83 -23.84 -6.65 8.46
CA ILE A 83 -24.91 -6.33 7.49
C ILE A 83 -24.93 -4.83 7.24
N VAL A 84 -24.77 -4.45 5.97
CA VAL A 84 -24.82 -3.07 5.51
C VAL A 84 -25.96 -2.93 4.49
N ASN A 85 -26.93 -2.05 4.77
CA ASN A 85 -28.09 -1.83 3.88
C ASN A 85 -28.67 -3.17 3.34
N GLY A 86 -28.85 -4.11 4.25
CA GLY A 86 -29.46 -5.39 3.96
C GLY A 86 -28.60 -6.43 3.25
N VAL A 87 -27.28 -6.19 3.16
CA VAL A 87 -26.32 -7.10 2.48
C VAL A 87 -25.18 -7.50 3.42
N LYS A 88 -24.89 -8.80 3.53
CA LYS A 88 -23.75 -9.29 4.35
C LYS A 88 -22.40 -8.98 3.65
N VAL A 89 -21.49 -8.34 4.40
CA VAL A 89 -20.13 -8.02 3.94
C VAL A 89 -19.10 -8.44 4.99
N VAL A 90 -17.86 -8.70 4.54
CA VAL A 90 -16.70 -8.95 5.42
C VAL A 90 -15.51 -8.13 4.89
N LEU A 91 -14.78 -7.47 5.80
CA LEU A 91 -13.49 -6.84 5.49
C LEU A 91 -12.34 -7.76 5.92
N LEU A 92 -11.37 -7.90 5.01
CA LEU A 92 -10.17 -8.75 5.23
C LEU A 92 -8.90 -7.91 5.07
N ASP A 93 -7.85 -8.20 5.84
CA ASP A 93 -6.58 -7.50 5.66
C ASP A 93 -6.02 -7.72 4.24
N ALA A 94 -5.67 -6.63 3.54
CA ALA A 94 -5.13 -6.69 2.16
C ALA A 94 -3.61 -6.85 2.08
N ASN A 95 -2.91 -6.80 3.22
CA ASN A 95 -1.42 -6.81 3.17
C ASN A 95 -0.89 -5.76 2.18
N HIS A 96 -1.43 -4.53 2.28
CA HIS A 96 -1.01 -3.39 1.45
C HIS A 96 -0.41 -2.36 2.42
N CYS A 97 -1.04 -1.20 2.57
CA CYS A 97 -0.65 -0.18 3.55
C CYS A 97 -1.52 -0.29 4.83
N PRO A 98 -1.19 0.47 5.89
CA PRO A 98 -2.05 0.39 7.10
C PRO A 98 -3.52 0.72 6.81
N GLY A 99 -4.42 -0.08 7.35
CA GLY A 99 -5.87 0.12 7.14
C GLY A 99 -6.46 -0.41 5.85
N ALA A 100 -5.62 -0.94 4.95
CA ALA A 100 -6.10 -1.43 3.65
C ALA A 100 -6.83 -2.76 3.77
N VAL A 101 -7.99 -2.84 3.08
CA VAL A 101 -8.83 -4.05 3.13
C VAL A 101 -9.22 -4.56 1.73
N MET A 102 -9.52 -5.87 1.70
CA MET A 102 -10.34 -6.51 0.67
C MET A 102 -11.77 -6.62 1.21
N ILE A 103 -12.74 -6.67 0.30
CA ILE A 103 -14.16 -6.71 0.69
C ILE A 103 -14.85 -7.90 0.04
N LEU A 104 -15.47 -8.76 0.87
CA LEU A 104 -16.31 -9.85 0.41
C LEU A 104 -17.77 -9.40 0.48
N PHE A 105 -18.50 -9.54 -0.63
CA PHE A 105 -19.93 -9.19 -0.70
C PHE A 105 -20.76 -10.45 -0.97
N TYR A 106 -21.76 -10.69 -0.11
CA TYR A 106 -22.66 -11.84 -0.27
C TYR A 106 -23.97 -11.30 -0.87
N LEU A 107 -24.10 -11.37 -2.20
CA LEU A 107 -25.26 -10.71 -2.87
C LEU A 107 -26.57 -11.39 -2.52
N PRO A 108 -27.69 -10.63 -2.53
CA PRO A 108 -28.99 -11.25 -2.26
C PRO A 108 -29.32 -12.47 -3.17
N ASN A 109 -28.88 -12.45 -4.42
CA ASN A 109 -29.14 -13.57 -5.33
C ASN A 109 -28.27 -14.85 -5.15
N GLY A 110 -27.34 -14.88 -4.19
CA GLY A 110 -26.48 -16.05 -3.93
C GLY A 110 -25.07 -15.96 -4.51
N THR A 111 -24.83 -14.98 -5.35
CA THR A 111 -23.50 -14.69 -5.92
C THR A 111 -22.58 -14.16 -4.78
N VAL A 112 -21.27 -14.45 -4.87
CA VAL A 112 -20.26 -13.99 -3.88
C VAL A 112 -19.16 -13.30 -4.70
N ILE A 113 -18.88 -12.06 -4.31
CA ILE A 113 -17.88 -11.24 -4.98
C ILE A 113 -16.75 -10.87 -4.01
N LEU A 114 -15.47 -11.00 -4.45
CA LEU A 114 -14.33 -10.50 -3.69
C LEU A 114 -13.72 -9.32 -4.46
N HIS A 115 -13.62 -8.16 -3.80
CA HIS A 115 -12.87 -7.00 -4.32
C HIS A 115 -11.58 -6.88 -3.55
N THR A 116 -10.43 -7.05 -4.20
CA THR A 116 -9.15 -7.08 -3.47
C THR A 116 -8.69 -5.68 -3.04
N GLY A 117 -9.29 -4.60 -3.54
CA GLY A 117 -8.66 -3.28 -3.43
C GLY A 117 -7.25 -3.40 -3.99
N ASP A 118 -6.29 -2.67 -3.42
CA ASP A 118 -4.85 -2.93 -3.66
C ASP A 118 -4.40 -3.98 -2.64
N PHE A 119 -3.60 -4.98 -3.08
CA PHE A 119 -3.16 -6.06 -2.16
C PHE A 119 -1.79 -6.62 -2.57
N ARG A 120 -1.13 -7.21 -1.58
CA ARG A 120 0.04 -8.09 -1.84
C ARG A 120 -0.34 -9.50 -1.38
N ALA A 121 -0.71 -10.31 -2.39
CA ALA A 121 -1.17 -11.66 -2.12
C ALA A 121 -0.16 -12.43 -1.28
N ASP A 122 -0.68 -13.25 -0.34
CA ASP A 122 0.18 -14.07 0.55
C ASP A 122 -0.49 -15.40 0.82
N PRO A 123 0.30 -16.50 1.00
CA PRO A 123 -0.31 -17.79 1.35
C PRO A 123 -1.17 -17.78 2.62
N SER A 124 -0.87 -16.88 3.58
CA SER A 124 -1.73 -16.74 4.76
C SER A 124 -3.20 -16.40 4.45
N MET A 125 -3.46 -15.77 3.30
CA MET A 125 -4.84 -15.48 2.87
C MET A 125 -5.66 -16.75 2.58
N GLU A 126 -4.95 -17.85 2.33
CA GLU A 126 -5.58 -19.15 2.11
C GLU A 126 -6.22 -19.72 3.41
N ARG A 127 -5.88 -19.13 4.57
CA ARG A 127 -6.47 -19.49 5.90
C ARG A 127 -7.26 -18.36 6.57
N SER A 128 -7.61 -17.37 5.77
CA SER A 128 -8.58 -16.36 6.16
C SER A 128 -10.03 -16.92 6.04
N LEU A 129 -11.01 -16.05 6.25
CA LEU A 129 -12.42 -16.38 5.99
C LEU A 129 -12.72 -16.77 4.53
N LEU A 130 -11.76 -16.54 3.62
CA LEU A 130 -11.88 -17.06 2.24
C LEU A 130 -11.84 -18.58 2.12
N ALA A 131 -11.32 -19.27 3.13
CA ALA A 131 -11.07 -20.74 3.06
C ALA A 131 -12.29 -21.54 2.65
N ASP A 132 -13.38 -21.25 3.35
CA ASP A 132 -14.66 -21.89 3.10
C ASP A 132 -15.04 -21.95 1.60
N GLN A 133 -14.77 -20.91 0.80
CA GLN A 133 -15.87 -20.61 -0.11
C GLN A 133 -15.73 -20.02 -1.48
N LYS A 134 -16.80 -20.33 -2.20
CA LYS A 134 -16.92 -20.09 -3.60
C LYS A 134 -17.00 -18.61 -3.83
N VAL A 135 -16.19 -18.12 -4.77
CA VAL A 135 -16.23 -16.72 -5.23
C VAL A 135 -16.57 -16.76 -6.71
N HIS A 136 -17.65 -16.10 -7.09
CA HIS A 136 -18.07 -16.08 -8.50
C HIS A 136 -17.37 -15.01 -9.33
N MET A 137 -17.12 -13.86 -8.71
CA MET A 137 -16.45 -12.73 -9.39
C MET A 137 -15.34 -12.17 -8.51
N LEU A 138 -14.16 -12.01 -9.12
CA LEU A 138 -12.96 -11.44 -8.44
C LEU A 138 -12.59 -10.11 -9.14
N TYR A 139 -12.63 -8.99 -8.40
CA TYR A 139 -12.18 -7.70 -8.89
C TYR A 139 -10.72 -7.56 -8.39
N LEU A 140 -9.76 -7.71 -9.30
CA LEU A 140 -8.36 -8.03 -8.97
C LEU A 140 -7.38 -6.88 -9.21
N ASP A 141 -6.56 -6.59 -8.19
CA ASP A 141 -5.39 -5.66 -8.33
C ASP A 141 -4.35 -6.34 -9.21
N THR A 142 -4.32 -5.94 -10.49
CA THR A 142 -3.44 -6.48 -11.55
C THR A 142 -2.20 -5.60 -11.84
N THR A 143 -1.78 -4.78 -10.85
CA THR A 143 -0.64 -3.85 -11.02
C THR A 143 0.55 -4.50 -11.72
N TYR A 144 0.98 -5.67 -11.21
CA TYR A 144 2.14 -6.36 -11.74
C TYR A 144 1.82 -7.74 -12.41
N CYS A 145 0.75 -7.74 -13.21
CA CYS A 145 0.32 -8.94 -13.92
C CYS A 145 1.10 -9.20 -15.22
N SER A 146 2.41 -9.48 -15.10
CA SER A 146 3.28 -9.97 -16.20
C SER A 146 4.52 -10.63 -15.56
N PRO A 147 5.04 -11.73 -16.17
CA PRO A 147 6.11 -12.50 -15.49
C PRO A 147 7.45 -11.78 -15.26
N GLU A 148 7.71 -10.69 -16.00
N GLU A 148 7.67 -10.67 -15.97
CA GLU A 148 8.92 -9.90 -15.77
CA GLU A 148 8.86 -9.85 -15.80
C GLU A 148 8.89 -9.11 -14.44
C GLU A 148 8.90 -9.21 -14.41
N TYR A 149 7.74 -9.04 -13.77
CA TYR A 149 7.66 -8.34 -12.50
C TYR A 149 8.00 -9.29 -11.36
N THR A 150 9.28 -9.22 -11.00
CA THR A 150 9.90 -9.98 -9.92
C THR A 150 10.51 -8.96 -8.93
N PHE A 151 10.49 -9.32 -7.66
CA PHE A 151 11.13 -8.56 -6.58
C PHE A 151 11.23 -9.45 -5.32
N PRO A 152 12.08 -9.08 -4.35
CA PRO A 152 12.23 -9.93 -3.15
C PRO A 152 11.07 -9.83 -2.16
N SER A 153 11.11 -10.67 -1.15
CA SER A 153 10.17 -10.52 -0.02
C SER A 153 10.45 -9.22 0.71
N GLN A 154 9.43 -8.69 1.38
CA GLN A 154 9.60 -7.52 2.26
C GLN A 154 10.67 -7.80 3.33
N GLN A 155 10.66 -9.01 3.91
CA GLN A 155 11.66 -9.36 4.95
C GLN A 155 13.11 -9.27 4.43
N GLU A 156 13.36 -9.78 3.23
CA GLU A 156 14.70 -9.68 2.60
C GLU A 156 15.14 -8.21 2.39
N VAL A 157 14.21 -7.38 1.95
CA VAL A 157 14.52 -5.96 1.69
C VAL A 157 14.84 -5.24 3.01
N ILE A 158 14.07 -5.53 4.05
CA ILE A 158 14.31 -4.93 5.38
C ILE A 158 15.66 -5.39 5.94
N ARG A 159 15.98 -6.67 5.78
CA ARG A 159 17.31 -7.17 6.25
C ARG A 159 18.45 -6.37 5.59
N PHE A 160 18.33 -6.15 4.27
CA PHE A 160 19.32 -5.36 3.54
C PHE A 160 19.43 -3.92 4.07
N ALA A 161 18.29 -3.27 4.29
CA ALA A 161 18.28 -1.90 4.79
C ALA A 161 18.89 -1.79 6.20
N ILE A 162 18.47 -2.66 7.12
CA ILE A 162 19.00 -2.65 8.51
C ILE A 162 20.53 -2.85 8.49
N ASN A 163 20.99 -3.85 7.75
CA ASN A 163 22.43 -4.22 7.76
C ASN A 163 23.26 -3.08 7.15
N THR A 164 22.76 -2.49 6.05
CA THR A 164 23.43 -1.35 5.37
C THR A 164 23.53 -0.12 6.29
N ALA A 165 22.43 0.24 6.94
CA ALA A 165 22.41 1.39 7.86
C ALA A 165 23.30 1.17 9.10
N PHE A 166 23.19 0.00 9.72
CA PHE A 166 23.99 -0.28 10.91
C PHE A 166 25.50 -0.24 10.58
N GLU A 167 25.89 -0.85 9.45
CA GLU A 167 27.31 -0.83 9.05
C GLU A 167 27.80 0.62 8.88
N ALA A 168 27.07 1.43 8.11
CA ALA A 168 27.48 2.80 7.78
C ALA A 168 27.65 3.69 9.03
N VAL A 169 26.72 3.60 9.96
CA VAL A 169 26.72 4.45 11.14
C VAL A 169 27.73 3.94 12.20
N THR A 170 27.98 2.64 12.23
CA THR A 170 29.03 2.09 13.13
C THR A 170 30.44 2.52 12.63
N LEU A 171 30.63 2.53 11.32
CA LEU A 171 31.88 3.04 10.74
C LEU A 171 32.03 4.56 10.96
N ASN A 172 30.94 5.33 10.76
CA ASN A 172 30.92 6.79 10.94
C ASN A 172 29.73 7.22 11.83
N PRO A 173 29.97 7.37 13.15
CA PRO A 173 28.91 7.82 14.07
C PRO A 173 28.33 9.20 13.76
N HIS A 174 29.00 9.97 12.91
CA HIS A 174 28.50 11.29 12.47
C HIS A 174 27.73 11.26 11.14
N ALA A 175 27.33 10.07 10.70
CA ALA A 175 26.43 9.95 9.54
C ALA A 175 24.95 10.05 9.96
N LEU A 176 24.18 10.78 9.17
CA LEU A 176 22.71 10.83 9.26
C LEU A 176 22.08 9.89 8.26
N VAL A 177 21.02 9.20 8.69
CA VAL A 177 20.18 8.40 7.78
C VAL A 177 18.88 9.15 7.45
N VAL A 178 18.53 9.21 6.15
CA VAL A 178 17.30 9.84 5.65
C VAL A 178 16.49 8.82 4.85
N CYS A 179 15.16 8.81 5.07
N CYS A 179 15.17 8.78 5.09
CA CYS A 179 14.24 7.93 4.32
CA CYS A 179 14.26 7.96 4.29
C CYS A 179 13.11 8.75 3.66
C CYS A 179 13.23 8.87 3.60
N GLY A 180 12.89 8.53 2.37
CA GLY A 180 11.82 9.21 1.62
C GLY A 180 10.44 8.60 1.82
N THR A 181 9.39 9.44 1.80
CA THR A 181 7.96 9.02 1.88
C THR A 181 7.06 10.00 1.05
N TYR A 182 5.95 9.50 0.49
CA TYR A 182 4.94 10.38 -0.21
C TYR A 182 3.45 10.00 -0.02
N SER A 183 3.22 9.02 0.84
CA SER A 183 1.94 8.41 1.12
C SER A 183 2.12 7.49 2.34
N ILE A 184 1.03 7.02 2.91
CA ILE A 184 1.13 5.93 3.88
C ILE A 184 1.57 4.63 3.18
N GLY A 185 2.01 3.67 3.99
CA GLY A 185 2.63 2.45 3.53
C GLY A 185 4.15 2.44 3.67
N LYS A 186 4.72 1.24 3.83
CA LYS A 186 6.19 1.03 3.80
C LYS A 186 6.87 1.62 5.07
N GLU A 187 6.08 1.82 6.13
CA GLU A 187 6.60 2.36 7.41
C GLU A 187 7.69 1.46 7.98
N LYS A 188 7.63 0.13 7.74
CA LYS A 188 8.66 -0.80 8.27
C LYS A 188 10.08 -0.39 7.89
N VAL A 189 10.24 0.22 6.72
CA VAL A 189 11.58 0.64 6.27
C VAL A 189 12.26 1.57 7.31
N PHE A 190 11.60 2.68 7.63
CA PHE A 190 12.19 3.63 8.57
C PHE A 190 12.12 3.18 10.02
N LEU A 191 11.06 2.45 10.40
CA LEU A 191 10.97 1.94 11.78
C LEU A 191 12.08 0.90 12.07
N ALA A 192 12.34 -0.01 11.13
CA ALA A 192 13.38 -1.03 11.35
C ALA A 192 14.79 -0.42 11.41
N ILE A 193 15.06 0.55 10.56
CA ILE A 193 16.39 1.23 10.60
C ILE A 193 16.56 1.99 11.93
N ALA A 194 15.55 2.78 12.33
CA ALA A 194 15.66 3.52 13.60
C ALA A 194 15.85 2.61 14.81
N ASP A 195 15.16 1.46 14.80
CA ASP A 195 15.28 0.49 15.89
C ASP A 195 16.73 -0.05 16.01
N VAL A 196 17.35 -0.40 14.88
CA VAL A 196 18.72 -0.95 14.94
C VAL A 196 19.74 0.10 15.42
N LEU A 197 19.47 1.37 15.12
CA LEU A 197 20.32 2.50 15.50
C LEU A 197 20.00 3.09 16.88
N GLY A 198 19.01 2.56 17.58
CA GLY A 198 18.68 3.09 18.91
C GLY A 198 18.16 4.50 18.94
N SER A 199 17.36 4.84 17.91
CA SER A 199 16.87 6.19 17.71
C SER A 199 15.37 6.22 17.47
N LYS A 200 14.72 7.33 17.86
CA LYS A 200 13.38 7.67 17.31
C LYS A 200 13.52 8.21 15.88
N VAL A 201 12.44 8.14 15.11
CA VAL A 201 12.38 8.70 13.77
C VAL A 201 11.86 10.14 13.83
N GLY A 202 12.62 11.12 13.32
CA GLY A 202 12.23 12.54 13.27
C GLY A 202 11.55 12.92 11.96
N MET A 203 10.51 13.76 12.05
CA MET A 203 9.69 14.10 10.89
C MET A 203 8.92 15.41 11.11
N SER A 204 8.35 15.94 10.03
CA SER A 204 7.47 17.10 10.10
C SER A 204 6.22 16.87 10.97
N GLN A 205 5.62 17.97 11.39
CA GLN A 205 4.33 17.90 12.09
C GLN A 205 3.24 17.19 11.28
N GLU A 206 3.19 17.47 9.97
CA GLU A 206 2.19 16.86 9.09
C GLU A 206 2.34 15.33 9.00
N LYS A 207 3.57 14.85 8.84
CA LYS A 207 3.79 13.40 8.77
C LYS A 207 3.55 12.73 10.13
N TYR A 208 3.95 13.40 11.21
CA TYR A 208 3.68 12.90 12.57
C TYR A 208 2.17 12.70 12.78
N LYS A 209 1.37 13.69 12.38
CA LYS A 209 -0.10 13.60 12.46
C LYS A 209 -0.61 12.35 11.74
N THR A 210 -0.13 12.15 10.51
CA THR A 210 -0.55 10.97 9.73
C THR A 210 -0.24 9.65 10.48
N LEU A 211 1.00 9.51 10.95
CA LEU A 211 1.37 8.28 11.64
C LEU A 211 0.60 8.03 12.94
N GLN A 212 0.23 9.13 13.62
CA GLN A 212 -0.59 9.04 14.85
C GLN A 212 -2.01 8.45 14.63
N CYS A 213 -2.46 8.41 13.37
CA CYS A 213 -3.74 7.79 12.97
C CYS A 213 -3.72 6.26 12.67
N LEU A 214 -2.55 5.62 12.73
CA LEU A 214 -2.39 4.25 12.18
C LEU A 214 -2.46 3.06 13.17
N ASN A 215 -2.78 3.32 14.44
CA ASN A 215 -2.87 2.27 15.48
C ASN A 215 -1.62 1.36 15.58
N ILE A 216 -0.43 1.95 15.41
CA ILE A 216 0.83 1.19 15.54
C ILE A 216 1.13 1.09 17.04
N PRO A 217 1.29 -0.14 17.57
CA PRO A 217 1.60 -0.29 18.98
C PRO A 217 2.85 0.47 19.41
N GLU A 218 2.75 1.08 20.59
CA GLU A 218 3.83 1.86 21.19
C GLU A 218 4.42 2.96 20.28
N ILE A 219 3.61 3.55 19.40
CA ILE A 219 4.07 4.57 18.44
C ILE A 219 4.79 5.74 19.12
N ASN A 220 4.33 6.16 20.30
CA ASN A 220 4.94 7.31 21.00
C ASN A 220 6.43 7.07 21.37
N SER A 221 6.80 5.81 21.57
CA SER A 221 8.21 5.44 21.81
C SER A 221 9.07 5.41 20.53
N LEU A 222 8.46 5.48 19.35
CA LEU A 222 9.16 5.26 18.06
C LEU A 222 9.40 6.51 17.16
N ILE A 223 8.58 7.55 17.29
CA ILE A 223 8.63 8.74 16.41
C ILE A 223 8.60 10.06 17.18
N THR A 224 9.02 11.13 16.53
CA THR A 224 9.12 12.46 17.17
C THR A 224 9.12 13.59 16.14
N THR A 225 8.69 14.78 16.57
CA THR A 225 8.86 16.00 15.78
C THR A 225 10.17 16.75 16.12
N ASP A 226 10.90 16.29 17.13
CA ASP A 226 12.17 16.93 17.54
C ASP A 226 13.31 16.36 16.70
N MET A 227 13.61 17.05 15.61
CA MET A 227 14.62 16.60 14.63
C MET A 227 16.02 16.47 15.26
N CYS A 228 16.34 17.38 16.18
CA CYS A 228 17.64 17.40 16.87
C CYS A 228 17.91 16.16 17.72
N SER A 229 16.85 15.54 18.23
CA SER A 229 16.95 14.33 19.05
C SER A 229 17.15 13.03 18.26
N SER A 230 17.00 13.10 16.94
CA SER A 230 16.87 11.91 16.07
C SER A 230 18.01 11.82 15.06
N LEU A 231 18.50 10.60 14.80
CA LEU A 231 19.48 10.41 13.69
C LEU A 231 18.95 9.59 12.52
N VAL A 232 17.62 9.41 12.48
CA VAL A 232 16.90 8.92 11.29
C VAL A 232 15.82 9.96 11.00
N HIS A 233 15.91 10.63 9.83
CA HIS A 233 14.94 11.67 9.44
C HIS A 233 14.10 11.22 8.24
N LEU A 234 12.81 11.58 8.26
CA LEU A 234 11.92 11.42 7.09
C LEU A 234 11.77 12.69 6.30
N LEU A 235 11.86 12.57 4.99
CA LEU A 235 11.64 13.72 4.10
C LEU A 235 10.69 13.33 2.98
N PRO A 236 10.02 14.33 2.38
CA PRO A 236 9.28 14.03 1.16
C PRO A 236 10.15 13.34 0.09
N MET A 237 9.57 12.36 -0.60
CA MET A 237 10.29 11.59 -1.65
C MET A 237 10.95 12.49 -2.70
N MET A 238 10.30 13.61 -3.02
CA MET A 238 10.82 14.59 -3.97
C MET A 238 12.14 15.27 -3.57
N GLN A 239 12.46 15.24 -2.28
CA GLN A 239 13.73 15.76 -1.78
C GLN A 239 14.87 14.73 -1.76
N ILE A 240 14.60 13.46 -2.10
CA ILE A 240 15.66 12.44 -2.02
C ILE A 240 16.47 12.45 -3.33
N ASN A 241 17.36 13.44 -3.41
CA ASN A 241 18.27 13.64 -4.55
C ASN A 241 19.45 14.44 -4.01
N PHE A 242 20.53 14.56 -4.78
CA PHE A 242 21.75 15.16 -4.23
C PHE A 242 21.53 16.63 -3.78
N LYS A 243 20.84 17.43 -4.59
CA LYS A 243 20.50 18.82 -4.25
C LYS A 243 19.70 18.93 -2.94
N GLY A 244 18.63 18.15 -2.85
CA GLY A 244 17.73 18.19 -1.68
C GLY A 244 18.37 17.75 -0.39
N LEU A 245 19.23 16.72 -0.47
CA LEU A 245 19.92 16.16 0.67
C LEU A 245 21.06 17.06 1.15
N GLN A 246 21.78 17.68 0.22
CA GLN A 246 22.76 18.73 0.55
C GLN A 246 22.10 19.88 1.31
N SER A 247 20.92 20.28 0.86
CA SER A 247 20.18 21.37 1.50
C SER A 247 19.80 20.97 2.93
N HIS A 248 19.30 19.75 3.09
CA HIS A 248 18.93 19.25 4.41
C HIS A 248 20.13 19.20 5.38
N LEU A 249 21.29 18.71 4.89
CA LEU A 249 22.49 18.59 5.72
C LEU A 249 22.93 19.96 6.29
N LYS A 250 22.78 21.00 5.49
CA LYS A 250 23.11 22.38 5.93
C LYS A 250 22.27 22.82 7.14
N LYS A 251 21.01 22.41 7.18
CA LYS A 251 20.08 22.74 8.25
C LYS A 251 20.36 22.02 9.57
N CYS A 252 21.24 21.02 9.57
CA CYS A 252 21.47 20.18 10.77
C CYS A 252 22.54 20.71 11.74
N GLY A 253 23.01 21.93 11.55
CA GLY A 253 23.87 22.62 12.54
C GLY A 253 25.20 21.96 12.83
N GLY A 254 25.82 21.37 11.81
CA GLY A 254 27.15 20.76 11.95
C GLY A 254 27.23 19.50 12.77
N LYS A 255 26.09 18.85 12.97
CA LYS A 255 26.00 17.63 13.74
C LYS A 255 26.50 16.42 12.94
N TYR A 256 26.37 16.52 11.61
CA TYR A 256 26.62 15.38 10.72
C TYR A 256 27.55 15.78 9.58
N ASN A 257 28.31 14.80 9.10
CA ASN A 257 29.28 15.03 7.98
C ASN A 257 29.10 14.04 6.79
N GLN A 258 27.99 13.30 6.81
CA GLN A 258 27.67 12.28 5.80
C GLN A 258 26.15 12.02 5.83
N ILE A 259 25.52 11.76 4.66
CA ILE A 259 24.12 11.25 4.58
C ILE A 259 24.09 9.93 3.85
N LEU A 260 23.37 8.97 4.44
CA LEU A 260 22.97 7.73 3.78
C LEU A 260 21.43 7.81 3.61
N ALA A 261 20.93 7.73 2.37
CA ALA A 261 19.49 7.88 2.11
C ALA A 261 18.91 6.64 1.42
N PHE A 262 17.64 6.38 1.75
CA PHE A 262 16.84 5.30 1.14
C PHE A 262 15.61 5.85 0.43
N ARG A 263 15.40 5.35 -0.80
CA ARG A 263 14.25 5.64 -1.67
C ARG A 263 13.51 4.35 -1.88
N PRO A 264 12.46 4.11 -1.07
CA PRO A 264 11.67 2.96 -1.38
C PRO A 264 10.91 3.24 -2.69
N THR A 265 11.03 2.30 -3.59
CA THR A 265 10.30 2.28 -4.84
C THR A 265 9.41 1.05 -4.91
N GLY A 266 8.62 0.95 -5.97
CA GLY A 266 8.05 -0.34 -6.38
C GLY A 266 9.09 -1.09 -7.20
N TRP A 267 8.62 -1.94 -8.09
CA TRP A 267 9.47 -2.54 -9.13
C TRP A 267 10.16 -1.47 -9.98
N THR A 268 11.42 -1.73 -10.33
CA THR A 268 12.14 -0.98 -11.37
C THR A 268 12.85 -1.99 -12.29
N HIS A 269 13.16 -1.58 -13.52
CA HIS A 269 13.88 -2.46 -14.48
C HIS A 269 15.24 -3.01 -14.00
N SER A 270 15.94 -2.35 -13.07
CA SER A 270 17.14 -3.02 -12.48
C SER A 270 16.85 -4.34 -11.72
N ASN A 271 15.58 -4.61 -11.36
CA ASN A 271 15.18 -5.95 -10.84
C ASN A 271 15.35 -7.10 -11.85
N LYS A 272 15.35 -6.79 -13.15
CA LYS A 272 15.64 -7.79 -14.20
C LYS A 272 17.12 -8.22 -14.26
N PHE A 273 18.02 -7.45 -13.64
CA PHE A 273 19.46 -7.70 -13.70
C PHE A 273 20.11 -7.99 -12.34
N THR A 274 19.81 -7.16 -11.35
CA THR A 274 20.59 -7.09 -10.11
C THR A 274 19.81 -7.59 -8.86
N ARG A 275 20.36 -8.63 -8.22
CA ARG A 275 19.83 -9.19 -6.95
C ARG A 275 19.98 -8.22 -5.78
N ILE A 276 19.09 -8.34 -4.79
CA ILE A 276 19.06 -7.39 -3.65
C ILE A 276 20.40 -7.32 -2.93
N ALA A 277 21.05 -8.46 -2.74
CA ALA A 277 22.38 -8.54 -2.13
C ALA A 277 23.46 -7.73 -2.86
N ASP A 278 23.33 -7.63 -4.19
CA ASP A 278 24.30 -6.95 -5.05
C ASP A 278 24.00 -5.45 -5.25
N VAL A 279 22.90 -4.94 -4.67
CA VAL A 279 22.49 -3.53 -4.88
C VAL A 279 23.52 -2.55 -4.31
N ILE A 280 23.82 -1.54 -5.14
CA ILE A 280 24.78 -0.46 -4.82
C ILE A 280 24.08 0.90 -4.91
N PRO A 281 24.62 1.92 -4.26
CA PRO A 281 24.00 3.23 -4.27
C PRO A 281 24.51 4.15 -5.38
N GLN A 282 23.82 5.28 -5.56
CA GLN A 282 24.36 6.42 -6.32
C GLN A 282 25.06 7.33 -5.31
N THR A 283 26.28 7.78 -5.64
CA THR A 283 27.08 8.56 -4.70
C THR A 283 27.65 9.83 -5.33
N LYS A 284 27.59 10.93 -4.56
CA LYS A 284 28.25 12.19 -4.89
C LYS A 284 28.82 12.77 -3.59
N GLY A 285 30.15 12.79 -3.48
CA GLY A 285 30.82 13.22 -2.27
C GLY A 285 30.39 12.43 -1.04
N ASN A 286 29.94 13.16 -0.01
CA ASN A 286 29.52 12.59 1.27
C ASN A 286 28.03 12.17 1.33
N ILE A 287 27.38 12.02 0.16
CA ILE A 287 25.97 11.60 0.05
C ILE A 287 25.84 10.35 -0.80
N SER A 288 25.13 9.35 -0.26
CA SER A 288 24.84 8.10 -0.97
C SER A 288 23.32 7.82 -0.90
N ILE A 289 22.74 7.39 -2.03
CA ILE A 289 21.29 7.09 -2.16
C ILE A 289 21.05 5.66 -2.69
N TYR A 290 20.31 4.87 -1.92
CA TYR A 290 19.91 3.52 -2.28
C TYR A 290 18.45 3.49 -2.70
N GLY A 291 18.18 2.97 -3.90
CA GLY A 291 16.81 2.60 -4.30
C GLY A 291 16.57 1.17 -3.87
N ILE A 292 15.51 0.94 -3.07
CA ILE A 292 15.22 -0.41 -2.60
C ILE A 292 13.79 -0.84 -3.02
N PRO A 293 13.65 -2.06 -3.58
CA PRO A 293 12.35 -2.49 -4.17
C PRO A 293 11.42 -3.12 -3.11
N TYR A 294 10.87 -2.25 -2.27
CA TYR A 294 9.94 -2.62 -1.23
C TYR A 294 8.49 -2.50 -1.79
N SER A 295 7.92 -3.63 -2.21
CA SER A 295 6.59 -3.62 -2.84
C SER A 295 5.46 -3.93 -1.84
N GLU A 296 4.38 -3.15 -1.96
CA GLU A 296 3.10 -3.46 -1.29
C GLU A 296 2.01 -3.95 -2.29
N HIS A 297 2.45 -4.39 -3.48
CA HIS A 297 1.57 -5.09 -4.43
C HIS A 297 2.13 -6.49 -4.73
N SER A 298 1.23 -7.42 -5.10
CA SER A 298 1.64 -8.80 -5.49
C SER A 298 2.69 -8.80 -6.60
N SER A 299 3.71 -9.66 -6.46
CA SER A 299 4.49 -10.06 -7.63
C SER A 299 3.63 -10.89 -8.60
N TYR A 300 4.08 -11.09 -9.84
CA TYR A 300 3.35 -11.98 -10.74
C TYR A 300 3.11 -13.36 -10.10
N LEU A 301 4.18 -13.95 -9.55
CA LEU A 301 4.05 -15.31 -8.97
C LEU A 301 3.07 -15.36 -7.78
N GLU A 302 3.12 -14.34 -6.91
CA GLU A 302 2.19 -14.27 -5.77
C GLU A 302 0.73 -14.17 -6.23
N MET A 303 0.48 -13.31 -7.20
CA MET A 303 -0.86 -13.13 -7.80
C MET A 303 -1.39 -14.44 -8.41
N LYS A 304 -0.55 -15.08 -9.23
CA LYS A 304 -0.93 -16.33 -9.88
C LYS A 304 -1.29 -17.42 -8.84
N ARG A 305 -0.47 -17.55 -7.79
CA ARG A 305 -0.78 -18.55 -6.74
C ARG A 305 -2.15 -18.30 -6.08
N PHE A 306 -2.37 -17.06 -5.67
CA PHE A 306 -3.66 -16.68 -5.06
C PHE A 306 -4.87 -17.01 -5.95
N VAL A 307 -4.79 -16.59 -7.22
CA VAL A 307 -5.91 -16.81 -8.15
C VAL A 307 -6.14 -18.30 -8.44
N GLN A 308 -5.06 -19.07 -8.65
CA GLN A 308 -5.19 -20.52 -8.89
C GLN A 308 -5.73 -21.26 -7.66
N TRP A 309 -5.46 -20.77 -6.45
CA TRP A 309 -6.08 -21.30 -5.20
C TRP A 309 -7.58 -20.94 -5.09
N LEU A 310 -7.91 -19.68 -5.38
CA LEU A 310 -9.28 -19.19 -5.19
C LEU A 310 -10.25 -19.76 -6.25
N LYS A 311 -9.75 -19.97 -7.47
CA LYS A 311 -10.56 -20.56 -8.57
C LYS A 311 -11.84 -19.77 -8.88
N PRO A 312 -11.71 -18.44 -9.10
CA PRO A 312 -12.89 -17.63 -9.39
C PRO A 312 -13.51 -17.97 -10.74
N GLN A 313 -14.82 -17.80 -10.86
CA GLN A 313 -15.50 -18.06 -12.15
C GLN A 313 -15.23 -16.98 -13.19
N LYS A 314 -15.04 -15.72 -12.75
CA LYS A 314 -14.77 -14.60 -13.62
C LYS A 314 -13.84 -13.63 -12.90
N ILE A 315 -12.89 -13.07 -13.66
CA ILE A 315 -11.95 -12.05 -13.14
C ILE A 315 -12.18 -10.73 -13.88
N ILE A 316 -12.30 -9.63 -13.09
CA ILE A 316 -12.39 -8.25 -13.60
C ILE A 316 -11.13 -7.51 -13.10
N PRO A 317 -10.19 -7.18 -14.01
CA PRO A 317 -9.02 -6.37 -13.57
C PRO A 317 -9.42 -4.97 -13.16
N THR A 318 -8.71 -4.42 -12.16
CA THR A 318 -8.95 -3.02 -11.74
C THR A 318 -7.74 -2.08 -11.98
N VAL A 319 -6.65 -2.62 -12.56
CA VAL A 319 -5.40 -1.86 -12.85
C VAL A 319 -4.89 -2.24 -14.25
N ASN A 320 -4.32 -1.26 -14.95
CA ASN A 320 -3.85 -1.44 -16.34
C ASN A 320 -4.99 -1.72 -17.34
N VAL A 321 -6.14 -1.14 -17.05
CA VAL A 321 -7.35 -1.35 -17.85
C VAL A 321 -7.48 -0.40 -19.05
N GLY A 322 -6.56 0.55 -19.19
CA GLY A 322 -6.75 1.63 -20.15
C GLY A 322 -6.27 1.42 -21.57
N THR A 323 -5.51 0.35 -21.84
CA THR A 323 -5.05 0.07 -23.22
C THR A 323 -5.49 -1.31 -23.69
N TRP A 324 -5.72 -1.46 -24.99
CA TRP A 324 -6.10 -2.76 -25.52
C TRP A 324 -5.00 -3.78 -25.32
N LYS A 325 -3.74 -3.35 -25.48
CA LYS A 325 -2.60 -4.26 -25.33
C LYS A 325 -2.52 -4.82 -23.90
N SER A 326 -2.64 -3.93 -22.91
N SER A 326 -2.64 -3.95 -22.88
CA SER A 326 -2.64 -4.36 -21.49
CA SER A 326 -2.54 -4.46 -21.51
C SER A 326 -3.75 -5.35 -21.23
C SER A 326 -3.77 -5.30 -21.12
N ARG A 327 -4.97 -4.97 -21.62
CA ARG A 327 -6.16 -5.81 -21.40
C ARG A 327 -5.98 -7.21 -22.01
N SER A 328 -5.52 -7.25 -23.26
CA SER A 328 -5.26 -8.54 -23.93
C SER A 328 -4.19 -9.41 -23.24
N THR A 329 -3.09 -8.77 -22.79
CA THR A 329 -2.04 -9.46 -22.04
C THR A 329 -2.60 -10.13 -20.76
N MET A 330 -3.39 -9.37 -19.99
CA MET A 330 -3.94 -9.88 -18.74
C MET A 330 -4.90 -11.06 -18.99
N GLU A 331 -5.77 -10.90 -19.98
N GLU A 331 -5.79 -10.94 -19.97
CA GLU A 331 -6.74 -11.94 -20.36
CA GLU A 331 -6.74 -12.04 -20.28
C GLU A 331 -6.06 -13.27 -20.78
C GLU A 331 -5.99 -13.31 -20.68
N LYS A 332 -4.93 -13.19 -21.47
CA LYS A 332 -4.11 -14.37 -21.84
C LYS A 332 -3.54 -15.07 -20.64
N TYR A 333 -3.04 -14.31 -19.66
CA TYR A 333 -2.54 -14.94 -18.41
C TYR A 333 -3.67 -15.62 -17.61
N PHE A 334 -4.83 -14.97 -17.50
CA PHE A 334 -5.95 -15.57 -16.76
C PHE A 334 -6.31 -16.92 -17.38
N ARG A 335 -6.35 -16.98 -18.71
CA ARG A 335 -6.66 -18.24 -19.41
C ARG A 335 -5.58 -19.31 -19.21
N GLU A 336 -4.30 -18.94 -19.26
N GLU A 336 -4.30 -18.93 -19.23
CA GLU A 336 -3.24 -19.90 -18.96
CA GLU A 336 -3.20 -19.84 -18.95
C GLU A 336 -3.45 -20.47 -17.56
C GLU A 336 -3.27 -20.42 -17.54
N TRP A 337 -3.65 -19.58 -16.58
CA TRP A 337 -3.77 -20.02 -15.17
C TRP A 337 -4.92 -21.02 -14.99
N LYS A 338 -6.05 -20.75 -15.66
CA LYS A 338 -7.24 -21.62 -15.59
C LYS A 338 -6.98 -22.99 -16.24
N LEU A 339 -6.35 -23.00 -17.41
CA LEU A 339 -6.02 -24.27 -18.10
C LEU A 339 -4.99 -25.12 -17.32
N GLU A 340 -3.98 -24.46 -16.74
CA GLU A 340 -2.97 -25.16 -15.95
C GLU A 340 -3.58 -25.85 -14.72
N ALA A 341 -4.45 -25.13 -13.99
CA ALA A 341 -5.00 -25.61 -12.74
C ALA A 341 -6.30 -26.42 -12.90
N GLY A 342 -6.99 -26.31 -14.04
CA GLY A 342 -8.18 -27.15 -14.33
C GLY A 342 -9.54 -26.65 -13.87
N TYR A 343 -9.65 -25.39 -13.45
CA TYR A 343 -10.95 -24.81 -13.02
C TYR A 343 -11.69 -24.16 -14.19
C1 MLI B . -0.73 3.72 -4.95
C2 MLI B . -0.20 2.31 -4.80
C3 MLI B . -2.23 3.80 -5.24
O6 MLI B . 0.80 1.91 -5.43
O7 MLI B . -0.79 1.57 -4.02
O8 MLI B . -2.61 4.49 -6.21
O9 MLI B . -3.06 3.23 -4.46
NI NI C . -2.65 1.73 -3.03
N1 B0A D . 4.75 -3.05 -18.71
C4 B0A D . 1.66 -3.50 -17.67
C5 B0A D . 1.45 -4.12 -16.44
C6 B0A D . 0.84 -5.37 -16.41
C7 B0A D . 2.77 -1.62 -18.79
C8 B0A D . 3.87 -2.41 -19.48
C10 B0A D . 7.14 -3.53 -18.41
C13 B0A D . 6.68 -6.17 -18.67
C1 B0A D . 0.47 -6.00 -17.56
C2 B0A D . 0.68 -5.38 -18.78
C3 B0A D . 1.28 -4.13 -18.85
O1 B0A D . 2.27 -2.26 -17.61
O2 B0A D . 3.92 -2.39 -20.72
C9 B0A D . 5.88 -3.82 -19.22
C11 B0A D . 8.34 -4.29 -18.96
C12 B0A D . 8.04 -5.76 -19.19
C14 B0A D . 5.55 -5.31 -19.25
#